data_5M4K
#
_entry.id   5M4K
#
_cell.length_a   108.092
_cell.length_b   108.092
_cell.length_c   84.441
_cell.angle_alpha   90.00
_cell.angle_beta   90.00
_cell.angle_gamma   120.00
#
_symmetry.space_group_name_H-M   'P 64'
#
loop_
_entity.id
_entity.type
_entity.pdbx_description
1 polymer '[Pyruvate dehydrogenase (acetyl-transferring)] kinase isozyme 2, mitochondrial'
2 non-polymer 'N-(2-AMINOETHYL)-2-{3-CHLORO-4-[(4-ISOPROPYLBENZYL)OXY]PHENYL} ACETAMIDE'
3 non-polymer ~{N}-[2-(ethylamino)-2-oxidanylidene-ethyl]-~{N}-(4-methoxyphenyl)-2,4-bis(oxidanyl)benzamide
4 non-polymer 'MAGNESIUM ION'
5 water water
#
_entity_poly.entity_id   1
_entity_poly.type   'polypeptide(L)'
_entity_poly.pdbx_seq_one_letter_code
;MRWVWALLKNASLAGSAPKYIEHFSKFSPSPLSMKQFLDFGSSNACEKTSFTFLRQELPVRLANIMKEINLLPDRVLSTP
SVQLVQSWYVQSLLDIMEFLDKDPEDHRTLSQFTDALVTIRNRHNDVVPTMAQGVLEYKDTYGDDPVSNQNIQYFLDRFY
LSRISIRMLINQHTLIFDGSTNPAHPKHIGSIDPNCNVSEVVKDAYDMAKLLCDKYYMASPDLEIQEINAANSKQPIHMV
YVPSHLYHMLFELFKNAMRATVESHESSLILPPIKVMVALGEEDLSIKMSDRGGGVPLRKIERLFSYMYSTAPTPQPGTG
GTPLAGFGYGLPISRLYAKYFQGDLQLFSMEGFGTDAVIYLKALSTDSVERLPVYNKSAWRHYQTIQEAGDWCVPSTEPK
NTSTYRVS
;
_entity_poly.pdbx_strand_id   A
#
# COMPACT_ATOMS: atom_id res chain seq x y z
N GLY A 15 15.86 2.95 -29.76
CA GLY A 15 14.61 2.45 -29.13
C GLY A 15 13.45 3.43 -29.14
N SER A 16 12.25 2.87 -29.03
CA SER A 16 11.02 3.65 -29.05
C SER A 16 10.61 4.11 -27.64
N ALA A 17 11.11 3.42 -26.60
CA ALA A 17 10.75 3.70 -25.21
C ALA A 17 10.22 5.13 -24.95
N PRO A 18 11.00 6.19 -25.28
CA PRO A 18 10.43 7.55 -25.01
C PRO A 18 9.12 7.91 -25.73
N LYS A 19 8.93 7.43 -26.95
CA LYS A 19 7.74 7.71 -27.77
C LYS A 19 6.53 6.92 -27.25
N TYR A 20 6.77 5.69 -26.82
CA TYR A 20 5.73 4.88 -26.15
C TYR A 20 5.20 5.63 -24.94
N ILE A 21 6.16 6.10 -24.14
CA ILE A 21 5.88 6.89 -22.97
C ILE A 21 5.08 8.13 -23.38
N GLU A 22 5.52 8.83 -24.43
CA GLU A 22 4.78 10.00 -24.92
C GLU A 22 3.34 9.63 -25.30
N HIS A 23 3.16 8.55 -26.05
CA HIS A 23 1.84 8.15 -26.55
C HIS A 23 0.90 7.80 -25.42
N PHE A 24 1.30 6.80 -24.63
CA PHE A 24 0.46 6.27 -23.55
C PHE A 24 0.23 7.23 -22.34
N SER A 25 1.11 8.21 -22.15
CA SER A 25 0.87 9.27 -21.16
C SER A 25 -0.08 10.39 -21.63
N LYS A 26 -0.77 10.21 -22.75
CA LYS A 26 -1.86 11.10 -23.18
C LYS A 26 -3.18 10.55 -22.64
N PHE A 27 -3.14 9.28 -22.22
CA PHE A 27 -4.30 8.62 -21.65
C PHE A 27 -4.36 8.88 -20.15
N SER A 28 -5.44 8.46 -19.52
CA SER A 28 -5.59 8.63 -18.11
C SER A 28 -5.80 7.27 -17.47
N PRO A 29 -5.21 7.03 -16.28
CA PRO A 29 -5.50 5.73 -15.71
C PRO A 29 -6.98 5.66 -15.38
N SER A 30 -7.52 4.44 -15.48
CA SER A 30 -8.92 4.16 -15.28
C SER A 30 -9.15 3.54 -13.90
N PRO A 31 -9.64 4.36 -12.92
CA PRO A 31 -9.92 3.87 -11.58
C PRO A 31 -11.02 2.82 -11.58
N LEU A 32 -10.74 1.64 -11.03
CA LEU A 32 -11.76 0.62 -10.88
C LEU A 32 -12.27 0.65 -9.48
N SER A 33 -13.48 0.14 -9.29
CA SER A 33 -14.07 -0.03 -7.97
C SER A 33 -13.86 -1.48 -7.51
N MET A 34 -13.96 -1.74 -6.21
CA MET A 34 -13.98 -3.11 -5.71
C MET A 34 -15.14 -3.90 -6.28
N LYS A 35 -16.28 -3.24 -6.51
CA LYS A 35 -17.39 -3.92 -7.21
C LYS A 35 -16.92 -4.40 -8.60
N GLN A 36 -16.46 -3.46 -9.41
CA GLN A 36 -15.98 -3.75 -10.77
C GLN A 36 -14.89 -4.79 -10.82
N PHE A 37 -14.12 -4.87 -9.73
CA PHE A 37 -13.10 -5.90 -9.53
C PHE A 37 -13.72 -7.22 -9.22
N LEU A 38 -14.70 -7.17 -8.33
CA LEU A 38 -15.42 -8.36 -7.93
C LEU A 38 -16.13 -9.05 -9.05
N ASP A 39 -16.90 -8.27 -9.80
CA ASP A 39 -17.70 -8.85 -10.84
C ASP A 39 -16.85 -9.46 -11.97
N PHE A 40 -15.55 -9.21 -12.00
CA PHE A 40 -14.68 -9.95 -12.93
C PHE A 40 -14.68 -11.42 -12.56
N ASN A 44 -15.16 -15.33 -13.20
CA ASN A 44 -14.42 -14.51 -14.15
C ASN A 44 -15.20 -14.22 -15.44
N ALA A 45 -15.40 -12.95 -15.75
CA ALA A 45 -15.97 -12.53 -17.02
C ALA A 45 -14.88 -12.64 -18.11
N CYS A 46 -14.17 -13.77 -18.14
CA CYS A 46 -13.17 -14.12 -19.14
C CYS A 46 -11.80 -13.44 -19.06
N GLU A 47 -10.80 -14.20 -19.46
CA GLU A 47 -9.43 -13.75 -19.54
C GLU A 47 -9.31 -12.84 -20.69
N LYS A 48 -9.85 -13.28 -21.82
CA LYS A 48 -9.77 -12.47 -23.02
C LYS A 48 -9.91 -11.00 -22.60
N THR A 49 -10.99 -10.71 -21.87
CA THR A 49 -11.30 -9.36 -21.40
C THR A 49 -10.29 -8.79 -20.39
N SER A 50 -9.79 -9.60 -19.47
CA SER A 50 -8.64 -9.17 -18.64
C SER A 50 -7.44 -8.86 -19.53
N PHE A 51 -7.19 -9.72 -20.52
CA PHE A 51 -6.04 -9.54 -21.37
C PHE A 51 -6.13 -8.23 -22.13
N THR A 52 -7.20 -8.05 -22.91
CA THR A 52 -7.33 -6.87 -23.79
C THR A 52 -7.34 -5.57 -23.00
N PHE A 53 -7.87 -5.63 -21.78
CA PHE A 53 -7.95 -4.48 -20.87
C PHE A 53 -6.55 -4.14 -20.45
N LEU A 54 -5.88 -5.14 -19.89
CA LEU A 54 -4.59 -4.94 -19.24
C LEU A 54 -3.50 -4.51 -20.21
N ARG A 55 -3.55 -4.98 -21.45
CA ARG A 55 -2.48 -4.61 -22.37
C ARG A 55 -2.55 -3.13 -22.76
N GLN A 56 -3.69 -2.49 -22.54
CA GLN A 56 -3.80 -1.05 -22.78
C GLN A 56 -3.43 -0.31 -21.50
N GLU A 57 -4.09 -0.69 -20.40
CA GLU A 57 -4.06 0.04 -19.13
C GLU A 57 -2.72 0.00 -18.38
N LEU A 58 -2.09 -1.18 -18.31
CA LEU A 58 -0.75 -1.25 -17.70
C LEU A 58 0.26 -0.30 -18.40
N PRO A 59 0.31 -0.32 -19.73
CA PRO A 59 1.10 0.71 -20.39
C PRO A 59 0.77 2.16 -20.03
N VAL A 60 -0.51 2.41 -19.74
CA VAL A 60 -0.97 3.77 -19.37
C VAL A 60 -0.38 4.20 -18.03
N ARG A 61 -0.67 3.40 -17.01
CA ARG A 61 -0.18 3.62 -15.65
C ARG A 61 1.32 3.63 -15.54
N LEU A 62 2.00 2.81 -16.33
CA LEU A 62 3.47 2.82 -16.40
C LEU A 62 4.01 4.15 -16.97
N ALA A 63 3.45 4.54 -18.11
CA ALA A 63 3.81 5.77 -18.81
C ALA A 63 3.61 6.99 -17.92
N ASN A 64 2.43 7.08 -17.33
CA ASN A 64 2.08 8.23 -16.49
C ASN A 64 3.07 8.51 -15.35
N ILE A 65 3.44 7.49 -14.58
CA ILE A 65 4.39 7.71 -13.54
C ILE A 65 5.79 7.96 -14.14
N MET A 66 6.06 7.27 -15.25
CA MET A 66 7.37 7.37 -15.90
C MET A 66 7.69 8.78 -16.44
N LYS A 67 6.66 9.49 -16.88
CA LYS A 67 6.83 10.86 -17.35
C LYS A 67 6.97 11.76 -16.16
N GLU A 68 6.25 11.45 -15.09
CA GLU A 68 6.43 12.16 -13.83
C GLU A 68 7.83 11.95 -13.25
N ILE A 69 8.38 10.73 -13.35
CA ILE A 69 9.78 10.49 -12.97
C ILE A 69 10.71 11.42 -13.73
N ASN A 70 10.48 11.58 -15.03
CA ASN A 70 11.28 12.50 -15.87
C ASN A 70 11.09 14.00 -15.60
N LEU A 71 10.16 14.37 -14.73
CA LEU A 71 10.04 15.77 -14.29
C LEU A 71 10.93 16.07 -13.11
N LEU A 72 11.62 15.04 -12.62
CA LEU A 72 12.53 15.20 -11.51
C LEU A 72 13.79 15.96 -11.93
N PRO A 73 14.22 16.91 -11.11
CA PRO A 73 15.42 17.65 -11.46
C PRO A 73 16.63 16.72 -11.65
N ASP A 74 17.58 17.18 -12.47
CA ASP A 74 18.69 16.37 -12.92
C ASP A 74 19.55 15.79 -11.78
N ARG A 75 19.80 16.57 -10.74
CA ARG A 75 20.54 16.05 -9.58
C ARG A 75 19.93 14.82 -8.86
N VAL A 76 18.61 14.64 -9.01
CA VAL A 76 17.87 13.50 -8.50
C VAL A 76 17.74 12.51 -9.61
N LEU A 77 17.21 13.03 -10.71
CA LEU A 77 16.95 12.28 -11.91
C LEU A 77 18.09 11.36 -12.32
N SER A 78 19.34 11.78 -12.11
CA SER A 78 20.51 11.08 -12.61
C SER A 78 21.35 10.32 -11.56
N THR A 79 20.79 10.04 -10.39
CA THR A 79 21.50 9.21 -9.44
C THR A 79 21.26 7.75 -9.86
N PRO A 80 22.10 6.80 -9.40
CA PRO A 80 21.93 5.37 -9.71
C PRO A 80 20.57 4.78 -9.36
N SER A 81 20.09 5.04 -8.14
CA SER A 81 18.75 4.60 -7.70
C SER A 81 17.64 4.87 -8.72
N VAL A 82 17.42 6.13 -9.04
CA VAL A 82 16.38 6.52 -9.99
C VAL A 82 16.61 5.85 -11.34
N GLN A 83 17.78 6.07 -11.94
CA GLN A 83 18.08 5.49 -13.25
C GLN A 83 17.83 3.99 -13.19
N LEU A 84 18.10 3.35 -12.04
CA LEU A 84 17.87 1.92 -11.98
C LEU A 84 16.39 1.56 -12.09
N VAL A 85 15.50 2.21 -11.34
CA VAL A 85 14.08 1.87 -11.42
C VAL A 85 13.53 2.28 -12.77
N GLN A 86 14.08 3.32 -13.35
CA GLN A 86 13.64 3.74 -14.66
C GLN A 86 13.85 2.61 -15.63
N SER A 87 15.01 1.99 -15.59
CA SER A 87 15.27 0.88 -16.48
C SER A 87 14.25 -0.24 -16.30
N TRP A 88 13.88 -0.56 -15.06
CA TRP A 88 12.89 -1.60 -14.84
C TRP A 88 11.56 -1.26 -15.48
N TYR A 89 11.04 -0.09 -15.19
CA TYR A 89 9.76 0.31 -15.78
C TYR A 89 9.79 0.25 -17.34
N VAL A 90 10.91 0.67 -17.96
CA VAL A 90 11.07 0.60 -19.43
C VAL A 90 10.95 -0.82 -19.93
N GLN A 91 11.68 -1.76 -19.31
CA GLN A 91 11.66 -3.17 -19.73
C GLN A 91 10.24 -3.76 -19.63
N SER A 92 9.49 -3.31 -18.62
CA SER A 92 8.12 -3.77 -18.37
C SER A 92 7.18 -3.32 -19.46
N LEU A 93 7.22 -2.03 -19.76
CA LEU A 93 6.44 -1.41 -20.81
C LEU A 93 6.63 -2.12 -22.15
N LEU A 94 7.88 -2.49 -22.41
CA LEU A 94 8.26 -3.23 -23.61
C LEU A 94 7.78 -4.66 -23.52
N ASP A 95 8.02 -5.32 -22.39
CA ASP A 95 7.53 -6.67 -22.19
C ASP A 95 6.05 -6.72 -22.49
N ILE A 96 5.32 -5.67 -22.10
CA ILE A 96 3.88 -5.62 -22.36
C ILE A 96 3.58 -5.25 -23.81
N MET A 97 4.47 -4.47 -24.43
CA MET A 97 4.33 -4.12 -25.86
C MET A 97 4.07 -5.29 -26.80
N GLU A 98 4.83 -6.38 -26.60
CA GLU A 98 4.86 -7.52 -27.51
C GLU A 98 3.45 -7.99 -27.79
N PHE A 99 2.60 -7.84 -26.78
CA PHE A 99 1.26 -8.36 -26.81
C PHE A 99 0.22 -7.43 -27.48
N LEU A 100 0.62 -6.26 -28.01
CA LEU A 100 -0.38 -5.36 -28.64
C LEU A 100 -0.99 -5.92 -29.95
N ASP A 101 -0.16 -6.42 -30.85
CA ASP A 101 -0.71 -6.97 -32.09
C ASP A 101 -1.14 -8.43 -31.91
N LYS A 102 -0.73 -9.07 -30.81
CA LYS A 102 -1.12 -10.46 -30.55
C LYS A 102 -2.59 -10.52 -30.27
N ASP A 103 -3.16 -11.68 -30.52
CA ASP A 103 -4.57 -11.81 -30.29
C ASP A 103 -5.00 -12.95 -29.39
N PRO A 104 -6.15 -12.74 -28.77
CA PRO A 104 -6.90 -13.68 -27.92
C PRO A 104 -7.61 -14.76 -28.75
N GLU A 105 -8.42 -15.62 -28.17
CA GLU A 105 -8.89 -16.83 -28.86
C GLU A 105 -7.73 -17.85 -28.93
N ASP A 106 -6.52 -17.38 -29.27
CA ASP A 106 -5.28 -18.17 -29.16
C ASP A 106 -4.81 -18.25 -27.71
N HIS A 107 -4.84 -19.46 -27.14
CA HIS A 107 -4.62 -19.66 -25.71
C HIS A 107 -3.18 -19.55 -25.25
N ARG A 108 -2.21 -19.56 -26.17
CA ARG A 108 -0.80 -19.35 -25.78
C ARG A 108 -0.49 -17.87 -25.62
N THR A 109 -1.15 -17.01 -26.41
CA THR A 109 -1.12 -15.57 -26.18
C THR A 109 -1.42 -15.35 -24.70
N LEU A 110 -2.58 -15.82 -24.25
CA LEU A 110 -3.03 -15.62 -22.89
C LEU A 110 -2.09 -16.19 -21.82
N SER A 111 -1.43 -17.29 -22.15
CA SER A 111 -0.54 -17.98 -21.23
C SER A 111 0.81 -17.25 -21.15
N GLN A 112 1.29 -16.80 -22.30
CA GLN A 112 2.55 -16.05 -22.35
C GLN A 112 2.40 -14.71 -21.68
N PHE A 113 1.15 -14.30 -21.45
CA PHE A 113 0.87 -13.02 -20.88
C PHE A 113 0.98 -13.15 -19.38
N THR A 114 0.19 -14.04 -18.81
CA THR A 114 0.30 -14.37 -17.40
C THR A 114 1.77 -14.52 -16.97
N ASP A 115 2.60 -15.14 -17.81
CA ASP A 115 4.02 -15.29 -17.48
C ASP A 115 4.74 -13.97 -17.50
N ALA A 116 4.48 -13.18 -18.54
CA ALA A 116 4.98 -11.83 -18.60
C ALA A 116 4.56 -10.99 -17.38
N LEU A 117 3.37 -11.22 -16.84
CA LEU A 117 2.93 -10.42 -15.70
C LEU A 117 3.65 -10.81 -14.46
N VAL A 118 4.00 -12.09 -14.38
CA VAL A 118 4.76 -12.59 -13.25
C VAL A 118 6.13 -11.93 -13.21
N THR A 119 6.95 -12.17 -14.24
CA THR A 119 8.27 -11.58 -14.34
C THR A 119 8.33 -10.09 -13.93
N ILE A 120 7.38 -9.30 -14.44
CA ILE A 120 7.31 -7.87 -14.14
C ILE A 120 7.18 -7.66 -12.64
N ARG A 121 6.21 -8.31 -12.00
CA ARG A 121 5.92 -8.04 -10.58
C ARG A 121 7.16 -8.29 -9.75
N ASN A 122 7.87 -9.37 -10.11
CA ASN A 122 9.04 -9.82 -9.39
C ASN A 122 10.21 -8.88 -9.60
N ARG A 123 10.45 -8.50 -10.85
CA ARG A 123 11.44 -7.47 -11.19
C ARG A 123 11.41 -6.21 -10.30
N HIS A 124 10.17 -5.82 -9.96
CA HIS A 124 9.84 -4.63 -9.16
C HIS A 124 9.80 -4.88 -7.64
N ASN A 125 10.03 -6.10 -7.18
CA ASN A 125 9.98 -6.40 -5.74
C ASN A 125 10.85 -5.48 -4.87
N ASP A 126 11.88 -4.88 -5.47
CA ASP A 126 12.84 -4.06 -4.69
C ASP A 126 12.70 -2.52 -4.81
N VAL A 127 11.68 -2.01 -5.51
CA VAL A 127 11.54 -0.55 -5.69
C VAL A 127 11.66 0.20 -4.38
N VAL A 128 11.09 -0.36 -3.30
CA VAL A 128 11.04 0.38 -2.04
C VAL A 128 12.45 0.65 -1.51
N PRO A 129 13.20 -0.38 -1.06
CA PRO A 129 14.61 -0.15 -0.65
C PRO A 129 15.45 0.65 -1.66
N THR A 130 15.25 0.37 -2.96
CA THR A 130 15.93 1.07 -4.06
C THR A 130 15.69 2.59 -4.03
N MET A 131 14.43 3.01 -4.09
CA MET A 131 14.10 4.44 -3.98
C MET A 131 14.61 5.06 -2.66
N ALA A 132 14.33 4.36 -1.57
CA ALA A 132 14.78 4.75 -0.26
C ALA A 132 16.25 5.09 -0.26
N GLN A 133 17.01 4.37 -1.10
CA GLN A 133 18.42 4.66 -1.28
C GLN A 133 18.64 6.04 -1.97
N GLY A 134 17.85 6.36 -2.98
CA GLY A 134 17.88 7.70 -3.55
C GLY A 134 17.59 8.84 -2.60
N VAL A 135 16.76 8.61 -1.59
CA VAL A 135 16.46 9.62 -0.55
C VAL A 135 17.69 9.85 0.32
N LEU A 136 18.29 8.76 0.76
CA LEU A 136 19.52 8.83 1.56
C LEU A 136 20.65 9.55 0.82
N GLU A 137 20.90 9.20 -0.43
CA GLU A 137 21.99 9.89 -1.10
C GLU A 137 21.61 11.29 -1.49
N TYR A 138 20.33 11.61 -1.42
CA TYR A 138 19.94 12.99 -1.64
C TYR A 138 20.09 13.77 -0.36
N LYS A 139 19.88 13.13 0.79
CA LYS A 139 20.03 13.77 2.10
C LYS A 139 21.46 14.13 2.39
N ASP A 140 22.36 13.24 2.02
CA ASP A 140 23.75 13.46 2.29
C ASP A 140 24.38 14.32 1.21
N THR A 141 23.76 14.33 0.04
CA THR A 141 24.26 15.08 -1.10
C THR A 141 23.75 16.56 -1.19
N TYR A 142 22.50 16.86 -0.82
CA TYR A 142 21.91 18.23 -1.00
C TYR A 142 21.26 18.89 0.22
N GLY A 143 21.03 18.12 1.29
CA GLY A 143 20.51 18.66 2.56
C GLY A 143 19.20 18.00 2.94
N ASP A 144 18.77 18.25 4.18
CA ASP A 144 17.45 17.78 4.65
C ASP A 144 16.51 18.94 5.02
N ASP A 145 16.48 19.94 4.14
CA ASP A 145 15.59 21.10 4.27
C ASP A 145 14.10 20.75 4.11
N PRO A 146 13.19 21.60 4.66
CA PRO A 146 11.78 21.27 4.58
C PRO A 146 11.21 21.33 3.19
N VAL A 147 11.87 22.03 2.27
CA VAL A 147 11.36 22.01 0.89
C VAL A 147 11.63 20.65 0.20
N SER A 148 12.89 20.24 0.16
CA SER A 148 13.25 18.93 -0.38
C SER A 148 12.25 17.91 0.14
N ASN A 149 12.01 17.98 1.45
CA ASN A 149 11.06 17.09 2.12
C ASN A 149 9.65 17.04 1.52
N GLN A 150 9.10 18.19 1.15
CA GLN A 150 7.75 18.28 0.59
C GLN A 150 7.68 17.74 -0.81
N ASN A 151 8.79 17.81 -1.52
CA ASN A 151 8.89 17.26 -2.86
C ASN A 151 9.10 15.77 -2.83
N ILE A 152 10.02 15.31 -1.99
CA ILE A 152 10.20 13.89 -1.79
C ILE A 152 8.84 13.28 -1.39
N GLN A 153 8.23 13.80 -0.31
CA GLN A 153 6.88 13.40 0.14
C GLN A 153 5.85 13.42 -1.01
N TYR A 154 5.85 14.52 -1.75
CA TYR A 154 4.91 14.68 -2.84
C TYR A 154 5.12 13.54 -3.87
N PHE A 155 6.36 13.46 -4.38
CA PHE A 155 6.72 12.49 -5.43
C PHE A 155 6.50 11.04 -4.99
N LEU A 156 6.87 10.67 -3.77
CA LEU A 156 6.86 9.25 -3.38
C LEU A 156 5.47 8.78 -3.02
N ASP A 157 4.68 9.66 -2.38
CA ASP A 157 3.29 9.34 -2.09
C ASP A 157 2.72 8.91 -3.42
N ARG A 158 2.88 9.74 -4.44
CA ARG A 158 2.35 9.43 -5.78
C ARG A 158 2.95 8.15 -6.39
N PHE A 159 4.28 8.03 -6.34
CA PHE A 159 5.00 6.95 -6.99
C PHE A 159 4.63 5.58 -6.46
N TYR A 160 4.62 5.48 -5.14
CA TYR A 160 4.29 4.23 -4.49
C TYR A 160 2.84 3.88 -4.77
N LEU A 161 1.97 4.88 -4.71
CA LEU A 161 0.55 4.63 -4.87
C LEU A 161 0.26 4.01 -6.25
N SER A 162 0.74 4.69 -7.29
CA SER A 162 0.79 4.15 -8.65
C SER A 162 1.21 2.69 -8.60
N ARG A 163 2.32 2.47 -7.90
CA ARG A 163 2.97 1.16 -7.85
C ARG A 163 2.08 0.09 -7.28
N ILE A 164 1.37 0.45 -6.22
CA ILE A 164 0.44 -0.43 -5.54
C ILE A 164 -0.66 -0.89 -6.48
N SER A 165 -1.19 0.05 -7.27
CA SER A 165 -2.31 -0.24 -8.16
C SER A 165 -1.91 -1.13 -9.33
N ILE A 166 -0.69 -0.93 -9.80
CA ILE A 166 -0.13 -1.85 -10.77
C ILE A 166 -0.14 -3.25 -10.18
N ARG A 167 0.41 -3.42 -8.97
CA ARG A 167 0.41 -4.75 -8.37
C ARG A 167 -1.02 -5.26 -8.31
N MET A 168 -1.92 -4.43 -7.80
CA MET A 168 -3.32 -4.82 -7.67
C MET A 168 -3.88 -5.42 -8.93
N LEU A 169 -3.58 -4.81 -10.07
CA LEU A 169 -4.06 -5.34 -11.36
C LEU A 169 -3.39 -6.68 -11.61
N ILE A 170 -2.07 -6.66 -11.58
CA ILE A 170 -1.30 -7.88 -11.83
C ILE A 170 -1.74 -9.03 -10.95
N ASN A 171 -2.01 -8.79 -9.68
CA ASN A 171 -2.42 -9.88 -8.80
C ASN A 171 -3.81 -10.35 -9.12
N GLN A 172 -4.67 -9.44 -9.55
CA GLN A 172 -6.02 -9.84 -9.88
C GLN A 172 -5.99 -10.75 -11.08
N HIS A 173 -5.09 -10.50 -12.01
CA HIS A 173 -4.93 -11.39 -13.16
C HIS A 173 -4.27 -12.74 -12.78
N THR A 174 -3.02 -12.71 -12.34
CA THR A 174 -2.25 -13.95 -12.18
C THR A 174 -2.94 -14.95 -11.24
N LEU A 175 -3.63 -14.45 -10.22
CA LEU A 175 -4.23 -15.31 -9.17
C LEU A 175 -5.52 -15.99 -9.61
N ILE A 176 -6.32 -15.28 -10.40
CA ILE A 176 -7.64 -15.76 -10.86
C ILE A 176 -7.47 -16.70 -12.05
N PHE A 177 -6.56 -16.35 -12.97
CA PHE A 177 -6.33 -17.15 -14.18
C PHE A 177 -5.03 -17.92 -14.09
N ASP A 178 -4.96 -18.76 -13.06
CA ASP A 178 -3.78 -19.59 -12.76
C ASP A 178 -3.53 -20.67 -13.82
N PRO A 186 -15.91 -20.27 -6.24
CA PRO A 186 -14.75 -20.02 -5.38
C PRO A 186 -14.95 -18.91 -4.32
N LYS A 187 -14.49 -19.17 -3.09
CA LYS A 187 -14.66 -18.30 -1.90
C LYS A 187 -14.10 -16.89 -2.08
N HIS A 188 -12.80 -16.80 -2.33
CA HIS A 188 -12.11 -15.53 -2.56
C HIS A 188 -12.18 -15.16 -4.04
N ILE A 189 -11.89 -13.90 -4.34
CA ILE A 189 -11.72 -13.42 -5.71
C ILE A 189 -10.34 -12.76 -5.84
N GLY A 190 -9.31 -13.59 -6.00
CA GLY A 190 -7.93 -13.13 -6.07
C GLY A 190 -7.42 -12.63 -4.73
N SER A 191 -6.88 -11.41 -4.73
CA SER A 191 -6.52 -10.71 -3.51
C SER A 191 -7.73 -10.10 -2.77
N ILE A 192 -8.94 -10.17 -3.33
CA ILE A 192 -10.13 -9.68 -2.63
C ILE A 192 -10.88 -10.79 -1.87
N ASP A 193 -11.35 -10.46 -0.66
CA ASP A 193 -12.31 -11.29 0.10
C ASP A 193 -13.63 -10.51 0.23
N PRO A 194 -14.72 -11.11 -0.27
CA PRO A 194 -15.99 -10.42 -0.17
C PRO A 194 -16.65 -10.56 1.19
N ASN A 195 -16.09 -11.43 2.04
CA ASN A 195 -16.55 -11.69 3.40
C ASN A 195 -15.51 -11.47 4.45
N CYS A 196 -14.67 -10.46 4.26
CA CYS A 196 -13.53 -10.20 5.12
C CYS A 196 -13.95 -9.88 6.55
N ASN A 197 -13.65 -10.80 7.46
CA ASN A 197 -13.95 -10.61 8.87
C ASN A 197 -12.79 -9.87 9.50
N VAL A 198 -12.99 -8.57 9.74
CA VAL A 198 -11.93 -7.65 10.13
C VAL A 198 -11.21 -8.07 11.42
N SER A 199 -11.93 -8.58 12.41
CA SER A 199 -11.26 -8.94 13.64
C SER A 199 -10.40 -10.15 13.42
N GLU A 200 -10.84 -11.01 12.50
CA GLU A 200 -9.99 -12.14 12.10
C GLU A 200 -8.64 -11.61 11.68
N VAL A 201 -8.63 -10.66 10.76
CA VAL A 201 -7.38 -10.04 10.30
C VAL A 201 -6.65 -9.29 11.40
N VAL A 202 -7.40 -8.59 12.26
CA VAL A 202 -6.82 -7.89 13.41
C VAL A 202 -6.02 -8.86 14.30
N LYS A 203 -6.60 -10.01 14.65
CA LYS A 203 -5.91 -10.98 15.52
C LYS A 203 -4.64 -11.55 14.85
N ASP A 204 -4.78 -12.01 13.60
CA ASP A 204 -3.68 -12.66 12.88
C ASP A 204 -2.44 -11.77 12.99
N ALA A 205 -2.64 -10.52 12.55
CA ALA A 205 -1.66 -9.43 12.63
C ALA A 205 -1.15 -9.23 14.03
N TYR A 206 -2.08 -9.20 14.98
CA TYR A 206 -1.70 -9.14 16.39
C TYR A 206 -0.78 -10.30 16.75
N ASP A 207 -1.24 -11.53 16.48
CA ASP A 207 -0.47 -12.76 16.82
C ASP A 207 0.96 -12.68 16.25
N MET A 208 1.10 -12.20 15.02
CA MET A 208 2.42 -12.14 14.42
C MET A 208 3.32 -11.11 15.06
N ALA A 209 2.76 -9.94 15.35
CA ALA A 209 3.51 -8.89 16.07
C ALA A 209 4.02 -9.40 17.43
N LYS A 210 3.12 -10.01 18.21
CA LYS A 210 3.46 -10.63 19.50
C LYS A 210 4.65 -11.59 19.44
N LEU A 211 4.66 -12.42 18.41
CA LEU A 211 5.71 -13.39 18.19
C LEU A 211 7.06 -12.66 18.09
N LEU A 212 7.15 -11.71 17.15
CA LEU A 212 8.34 -10.86 17.07
C LEU A 212 8.57 -10.13 18.37
N CYS A 213 7.47 -9.73 19.04
CA CYS A 213 7.58 -8.97 20.29
C CYS A 213 8.23 -9.80 21.40
N ASP A 214 7.64 -10.97 21.68
CA ASP A 214 8.19 -12.02 22.60
C ASP A 214 9.63 -12.50 22.30
N LYS A 215 10.12 -12.28 21.09
CA LYS A 215 11.45 -12.72 20.74
C LYS A 215 12.46 -11.65 21.15
N TYR A 216 12.29 -10.44 20.66
CA TYR A 216 13.21 -9.34 20.90
C TYR A 216 13.16 -8.88 22.36
N TYR A 217 11.96 -8.76 22.91
CA TYR A 217 11.78 -8.18 24.25
C TYR A 217 11.38 -9.20 25.33
N MET A 218 10.96 -10.39 24.92
CA MET A 218 10.52 -11.45 25.85
C MET A 218 9.43 -10.96 26.85
N ALA A 219 8.73 -9.90 26.46
CA ALA A 219 7.42 -9.52 27.04
C ALA A 219 6.56 -8.89 25.90
N SER A 220 5.25 -8.84 26.06
CA SER A 220 4.38 -8.33 25.01
C SER A 220 3.01 -8.03 25.57
N PRO A 221 2.40 -6.92 25.15
CA PRO A 221 1.07 -6.58 25.69
C PRO A 221 -0.02 -7.44 25.10
N ASP A 222 -1.14 -7.53 25.78
CA ASP A 222 -2.29 -8.32 25.31
C ASP A 222 -3.14 -7.54 24.29
N LEU A 223 -4.20 -8.16 23.78
CA LEU A 223 -5.13 -7.49 22.87
C LEU A 223 -6.57 -7.51 23.37
N GLU A 224 -7.26 -6.38 23.30
CA GLU A 224 -8.71 -6.37 23.49
C GLU A 224 -9.36 -5.91 22.19
N ILE A 225 -10.28 -6.68 21.63
CA ILE A 225 -11.04 -6.22 20.49
C ILE A 225 -12.40 -5.96 21.03
N GLN A 226 -13.04 -4.93 20.51
CA GLN A 226 -14.44 -4.67 20.73
C GLN A 226 -15.02 -4.26 19.36
N GLU A 227 -16.20 -4.74 19.01
CA GLU A 227 -16.83 -4.30 17.79
C GLU A 227 -18.00 -3.39 18.15
N ILE A 228 -18.40 -2.55 17.20
CA ILE A 228 -19.57 -1.68 17.34
C ILE A 228 -20.24 -1.64 15.97
N ASN A 229 -21.15 -2.57 15.70
CA ASN A 229 -21.87 -2.59 14.42
C ASN A 229 -23.10 -1.71 14.55
N ALA A 230 -22.98 -0.44 14.14
CA ALA A 230 -24.03 0.55 14.34
C ALA A 230 -25.39 0.05 13.87
N ALA A 231 -25.51 -0.22 12.56
CA ALA A 231 -26.77 -0.65 11.94
C ALA A 231 -27.28 -1.95 12.55
N ASN A 232 -26.37 -2.91 12.79
CA ASN A 232 -26.76 -4.22 13.34
C ASN A 232 -26.02 -4.68 14.60
N SER A 233 -26.34 -4.03 15.71
CA SER A 233 -25.61 -4.13 16.99
C SER A 233 -25.01 -5.51 17.30
N LYS A 234 -25.71 -6.60 17.01
CA LYS A 234 -25.15 -7.89 17.35
C LYS A 234 -24.63 -8.73 16.22
N GLN A 235 -24.28 -8.10 15.11
CA GLN A 235 -23.78 -8.82 13.93
C GLN A 235 -22.25 -8.71 13.80
N PRO A 236 -21.55 -9.86 13.63
CA PRO A 236 -20.11 -9.74 13.37
C PRO A 236 -19.92 -8.99 12.05
N ILE A 237 -18.87 -8.17 12.01
CA ILE A 237 -18.62 -7.14 10.99
C ILE A 237 -17.74 -7.68 9.88
N HIS A 238 -18.26 -7.63 8.65
CA HIS A 238 -17.60 -8.14 7.46
C HIS A 238 -17.60 -7.05 6.44
N MET A 239 -16.58 -7.01 5.61
CA MET A 239 -16.56 -6.07 4.49
C MET A 239 -15.96 -6.72 3.26
N VAL A 240 -16.01 -5.99 2.16
CA VAL A 240 -15.32 -6.37 0.95
C VAL A 240 -14.00 -5.59 0.96
N TYR A 241 -12.87 -6.29 1.12
CA TYR A 241 -11.59 -5.62 1.09
C TYR A 241 -10.53 -6.51 0.50
N VAL A 242 -9.31 -5.97 0.41
CA VAL A 242 -8.14 -6.74 0.07
C VAL A 242 -7.43 -7.00 1.36
N PRO A 243 -7.57 -8.23 1.92
CA PRO A 243 -7.06 -8.49 3.27
C PRO A 243 -5.56 -8.44 3.46
N SER A 244 -4.76 -8.83 2.48
CA SER A 244 -3.33 -8.60 2.66
C SER A 244 -2.96 -7.09 2.85
N HIS A 245 -3.73 -6.17 2.25
CA HIS A 245 -3.51 -4.73 2.43
C HIS A 245 -3.79 -4.40 3.90
N LEU A 246 -4.84 -5.04 4.42
CA LEU A 246 -5.32 -4.72 5.74
C LEU A 246 -4.36 -5.30 6.76
N TYR A 247 -3.91 -6.52 6.51
CA TYR A 247 -2.89 -7.16 7.33
C TYR A 247 -1.67 -6.25 7.47
N HIS A 248 -1.12 -5.87 6.31
CA HIS A 248 0.04 -4.97 6.25
C HIS A 248 -0.08 -3.73 7.15
N MET A 249 -1.22 -3.06 7.07
CA MET A 249 -1.42 -1.87 7.88
C MET A 249 -1.39 -2.27 9.36
N LEU A 250 -2.34 -3.11 9.77
CA LEU A 250 -2.49 -3.51 11.17
C LEU A 250 -1.18 -4.05 11.76
N PHE A 251 -0.45 -4.77 10.95
CA PHE A 251 0.87 -5.23 11.33
C PHE A 251 1.82 -4.13 11.76
N GLU A 252 2.06 -3.14 10.92
CA GLU A 252 2.97 -2.05 11.30
C GLU A 252 2.43 -1.35 12.56
N LEU A 253 1.13 -1.16 12.62
CA LEU A 253 0.61 -0.46 13.76
C LEU A 253 0.82 -1.23 15.05
N PHE A 254 0.68 -2.55 15.00
CA PHE A 254 0.87 -3.37 16.17
C PHE A 254 2.30 -3.35 16.59
N LYS A 255 3.19 -3.50 15.64
CA LYS A 255 4.62 -3.38 15.89
C LYS A 255 4.93 -2.17 16.72
N ASN A 256 4.52 -1.03 16.19
CA ASN A 256 4.81 0.25 16.80
C ASN A 256 4.27 0.40 18.18
N ALA A 257 3.03 -0.03 18.39
CA ALA A 257 2.37 0.19 19.68
C ALA A 257 2.86 -0.77 20.74
N MET A 258 3.50 -1.85 20.28
CA MET A 258 4.05 -2.84 21.16
C MET A 258 5.38 -2.32 21.63
N ARG A 259 6.18 -1.92 20.65
CA ARG A 259 7.50 -1.40 20.89
C ARG A 259 7.43 -0.29 21.91
N ALA A 260 6.56 0.67 21.67
CA ALA A 260 6.39 1.78 22.59
C ALA A 260 5.93 1.30 23.96
N THR A 261 4.86 0.50 23.96
CA THR A 261 4.29 -0.02 25.21
C THR A 261 5.35 -0.72 26.10
N VAL A 262 6.18 -1.57 25.49
CA VAL A 262 7.26 -2.22 26.23
C VAL A 262 8.27 -1.18 26.74
N GLU A 263 8.93 -0.44 25.87
CA GLU A 263 10.00 0.43 26.34
C GLU A 263 9.56 1.51 27.30
N SER A 264 8.33 2.00 27.12
CA SER A 264 7.79 2.96 28.05
C SER A 264 7.57 2.33 29.43
N HIS A 265 7.30 1.03 29.52
CA HIS A 265 7.02 0.36 30.81
C HIS A 265 8.07 -0.70 31.22
N GLU A 266 9.35 -0.40 31.05
CA GLU A 266 10.39 -1.39 31.42
C GLU A 266 10.81 -1.35 32.88
N SER A 267 10.75 -0.18 33.51
CA SER A 267 10.86 -0.05 34.97
C SER A 267 9.54 -0.35 35.70
N SER A 268 8.41 -0.38 35.01
CA SER A 268 7.14 -0.68 35.66
C SER A 268 6.86 -2.16 35.63
N LEU A 269 5.85 -2.57 36.40
CA LEU A 269 5.47 -3.97 36.48
C LEU A 269 4.28 -4.32 35.58
N ILE A 270 3.18 -3.56 35.65
CA ILE A 270 2.04 -3.80 34.72
C ILE A 270 2.39 -3.39 33.27
N LEU A 271 1.94 -4.18 32.30
CA LEU A 271 2.09 -3.88 30.85
C LEU A 271 0.71 -3.67 30.21
N PRO A 272 0.36 -2.41 29.86
CA PRO A 272 -1.00 -2.21 29.39
C PRO A 272 -1.30 -2.85 28.03
N PRO A 273 -2.44 -3.55 27.93
CA PRO A 273 -2.97 -4.15 26.71
C PRO A 273 -3.14 -3.14 25.58
N ILE A 274 -3.22 -3.66 24.36
CA ILE A 274 -3.56 -2.86 23.22
C ILE A 274 -5.05 -3.02 22.90
N LYS A 275 -5.83 -1.96 23.06
CA LYS A 275 -7.28 -2.03 22.84
C LYS A 275 -7.51 -1.63 21.41
N VAL A 276 -8.19 -2.47 20.65
CA VAL A 276 -8.59 -2.13 19.31
C VAL A 276 -10.11 -2.06 19.29
N MET A 277 -10.67 -1.03 18.68
CA MET A 277 -12.11 -1.00 18.41
C MET A 277 -12.31 -0.98 16.90
N VAL A 278 -13.24 -1.79 16.45
CA VAL A 278 -13.63 -1.86 15.07
C VAL A 278 -15.06 -1.41 15.04
N ALA A 279 -15.38 -0.43 14.20
CA ALA A 279 -16.68 0.27 14.21
C ALA A 279 -17.22 0.34 12.82
N LEU A 280 -18.49 -0.01 12.61
CA LEU A 280 -19.10 0.05 11.28
C LEU A 280 -20.30 1.02 11.20
N GLY A 281 -20.11 2.11 10.45
CA GLY A 281 -21.12 3.15 10.23
C GLY A 281 -21.66 3.06 8.81
N GLU A 282 -22.60 3.97 8.47
CA GLU A 282 -23.32 3.93 7.19
C GLU A 282 -22.38 3.98 6.01
N GLU A 283 -21.27 4.70 6.18
CA GLU A 283 -20.27 4.78 5.12
C GLU A 283 -18.80 4.54 5.54
N ASP A 284 -18.47 4.63 6.83
CA ASP A 284 -17.11 4.31 7.28
C ASP A 284 -17.01 2.91 7.96
N LEU A 285 -15.90 2.21 7.73
CA LEU A 285 -15.47 1.16 8.63
C LEU A 285 -14.15 1.63 9.20
N SER A 286 -14.05 1.69 10.52
CA SER A 286 -12.96 2.41 11.21
C SER A 286 -12.33 1.54 12.26
N ILE A 287 -11.01 1.56 12.39
CA ILE A 287 -10.31 0.68 13.30
C ILE A 287 -9.32 1.49 14.11
N LYS A 288 -9.58 1.63 15.39
CA LYS A 288 -8.72 2.39 16.30
C LYS A 288 -7.82 1.44 17.09
N MET A 289 -6.57 1.79 17.26
CA MET A 289 -5.64 0.96 18.01
C MET A 289 -5.09 1.88 19.05
N SER A 290 -5.39 1.59 20.31
CA SER A 290 -5.04 2.46 21.40
C SER A 290 -4.01 1.78 22.24
N ASP A 291 -2.93 2.47 22.50
CA ASP A 291 -1.89 1.94 23.33
C ASP A 291 -1.50 2.95 24.35
N ARG A 292 -0.90 2.44 25.41
CA ARG A 292 -0.45 3.31 26.48
C ARG A 292 1.04 3.38 26.48
N GLY A 293 1.62 3.56 25.30
CA GLY A 293 3.07 3.58 25.19
C GLY A 293 3.83 4.85 25.53
N GLY A 294 3.22 5.79 26.25
CA GLY A 294 3.92 7.02 26.61
C GLY A 294 3.89 8.16 25.62
N GLY A 295 3.29 7.94 24.45
CA GLY A 295 2.99 8.99 23.53
C GLY A 295 4.22 9.57 22.86
N VAL A 296 3.91 10.48 21.94
CA VAL A 296 4.85 11.17 21.09
C VAL A 296 4.38 12.62 21.04
N PRO A 297 5.32 13.60 21.12
CA PRO A 297 4.82 14.97 21.14
C PRO A 297 4.28 15.40 19.79
N LEU A 298 3.26 16.24 19.79
CA LEU A 298 2.68 16.73 18.53
C LEU A 298 3.73 17.11 17.50
N ARG A 299 4.76 17.83 17.94
CA ARG A 299 5.85 18.28 17.07
C ARG A 299 6.44 17.19 16.21
N LYS A 300 6.53 15.97 16.73
CA LYS A 300 7.23 14.88 16.04
C LYS A 300 6.33 14.00 15.18
N ILE A 301 5.03 14.22 15.25
CA ILE A 301 4.08 13.39 14.51
C ILE A 301 4.23 13.49 12.99
N GLU A 302 4.47 14.68 12.43
CA GLU A 302 4.73 14.74 10.98
C GLU A 302 5.93 13.89 10.56
N ARG A 303 6.99 13.92 11.37
CA ARG A 303 8.26 13.27 11.02
C ARG A 303 8.03 11.78 10.77
N LEU A 304 7.07 11.19 11.47
CA LEU A 304 6.84 9.73 11.40
C LEU A 304 6.31 9.29 10.04
N PHE A 305 5.56 10.18 9.40
CA PHE A 305 4.96 9.91 8.10
C PHE A 305 5.82 10.41 6.93
N SER A 306 6.96 11.03 7.26
CA SER A 306 7.91 11.55 6.28
C SER A 306 8.95 10.53 5.82
N TYR A 307 9.05 10.32 4.52
CA TYR A 307 10.02 9.36 3.96
C TYR A 307 11.40 9.79 4.31
N MET A 308 11.64 11.09 4.20
CA MET A 308 12.98 11.62 4.39
C MET A 308 13.37 11.64 5.86
N TYR A 309 12.53 12.24 6.69
CA TYR A 309 12.80 12.36 8.15
C TYR A 309 12.83 11.04 8.94
N SER A 310 12.35 9.96 8.33
CA SER A 310 12.51 8.64 8.92
C SER A 310 13.41 7.76 8.04
N THR A 311 14.48 8.33 7.46
CA THR A 311 15.51 7.54 6.71
C THR A 311 16.91 7.61 7.41
N ALA A 312 17.50 6.46 7.76
CA ALA A 312 18.71 6.35 8.65
C ALA A 312 20.11 5.92 8.05
N PRO A 313 20.24 4.70 7.44
CA PRO A 313 21.57 4.09 7.10
C PRO A 313 22.53 5.00 6.35
N TYR A 329 7.91 -0.69 4.86
CA TYR A 329 6.72 0.18 4.82
C TYR A 329 6.80 1.42 5.76
N GLY A 330 6.76 1.14 7.05
CA GLY A 330 6.48 2.17 8.00
C GLY A 330 5.06 2.64 7.86
N LEU A 331 4.75 3.66 8.64
CA LEU A 331 3.50 4.39 8.59
C LEU A 331 3.16 4.95 7.22
N PRO A 332 4.13 5.58 6.53
CA PRO A 332 3.75 6.29 5.31
C PRO A 332 3.20 5.34 4.26
N ILE A 333 3.81 4.19 4.09
CA ILE A 333 3.34 3.27 3.08
C ILE A 333 2.00 2.61 3.47
N SER A 334 1.87 2.27 4.75
CA SER A 334 0.59 1.75 5.26
C SER A 334 -0.52 2.77 5.02
N ARG A 335 -0.18 4.06 5.08
CA ARG A 335 -1.14 5.12 4.83
C ARG A 335 -1.66 5.08 3.37
N LEU A 336 -0.71 5.16 2.45
CA LEU A 336 -0.96 4.89 1.05
C LEU A 336 -1.92 3.71 0.84
N TYR A 337 -1.67 2.54 1.43
CA TYR A 337 -2.62 1.43 1.30
C TYR A 337 -4.05 1.86 1.71
N ALA A 338 -4.14 2.65 2.80
CA ALA A 338 -5.42 3.14 3.26
C ALA A 338 -6.02 4.05 2.23
N LYS A 339 -5.23 5.01 1.75
CA LYS A 339 -5.70 5.96 0.71
C LYS A 339 -6.15 5.29 -0.59
N TYR A 340 -5.40 4.28 -1.02
CA TYR A 340 -5.61 3.60 -2.30
C TYR A 340 -7.06 3.34 -2.68
N PHE A 341 -7.88 2.88 -1.75
CA PHE A 341 -9.34 2.73 -1.93
C PHE A 341 -10.11 3.77 -1.11
N GLN A 342 -9.74 5.04 -1.25
CA GLN A 342 -10.44 6.17 -0.57
C GLN A 342 -10.52 6.09 0.96
N GLY A 343 -9.54 5.50 1.60
CA GLY A 343 -9.47 5.46 3.07
C GLY A 343 -8.46 6.47 3.54
N ASP A 344 -8.04 6.36 4.78
CA ASP A 344 -6.95 7.20 5.34
C ASP A 344 -6.39 6.42 6.53
N LEU A 345 -5.28 6.88 7.10
CA LEU A 345 -4.75 6.28 8.30
C LEU A 345 -4.17 7.39 9.11
N GLN A 346 -4.71 7.63 10.30
CA GLN A 346 -4.32 8.82 11.08
C GLN A 346 -3.75 8.48 12.47
N LEU A 347 -3.03 9.43 13.04
CA LEU A 347 -2.37 9.30 14.31
C LEU A 347 -2.74 10.47 15.19
N PHE A 348 -3.21 10.22 16.41
CA PHE A 348 -3.21 11.26 17.46
C PHE A 348 -2.59 10.72 18.73
N SER A 349 -1.55 11.37 19.25
CA SER A 349 -0.93 10.97 20.51
C SER A 349 -1.26 11.93 21.68
N MET A 350 -0.90 11.54 22.90
CA MET A 350 -0.93 12.40 24.08
C MET A 350 0.35 12.12 24.79
N GLU A 351 1.30 13.04 24.73
CA GLU A 351 2.63 12.78 25.25
C GLU A 351 2.44 12.59 26.73
N GLY A 352 3.05 11.52 27.24
CA GLY A 352 2.99 11.14 28.64
C GLY A 352 2.04 9.96 28.87
N PHE A 353 1.37 9.49 27.83
CA PHE A 353 0.29 8.52 28.02
C PHE A 353 0.27 7.46 26.90
N GLY A 354 -0.18 7.80 25.70
CA GLY A 354 -0.31 6.80 24.65
C GLY A 354 -0.64 7.38 23.29
N THR A 355 -0.85 6.51 22.32
CA THR A 355 -1.20 6.91 20.97
C THR A 355 -2.38 6.09 20.44
N ASP A 356 -3.32 6.79 19.79
CA ASP A 356 -4.37 6.14 19.03
C ASP A 356 -3.96 6.24 17.61
N ALA A 357 -4.15 5.14 16.87
CA ALA A 357 -3.96 5.13 15.42
C ALA A 357 -5.22 4.60 14.77
N VAL A 358 -5.74 5.30 13.77
CA VAL A 358 -7.01 4.91 13.21
C VAL A 358 -6.87 4.59 11.73
N ILE A 359 -7.35 3.41 11.31
CA ILE A 359 -7.46 3.05 9.87
C ILE A 359 -8.88 3.38 9.46
N TYR A 360 -9.04 4.33 8.56
CA TYR A 360 -10.35 4.64 7.97
C TYR A 360 -10.54 3.95 6.62
N LEU A 361 -11.51 3.07 6.50
CA LEU A 361 -11.86 2.43 5.23
C LEU A 361 -13.31 2.74 4.83
N LYS A 362 -13.56 2.81 3.51
CA LYS A 362 -14.95 2.92 3.03
C LYS A 362 -15.63 1.59 3.30
N ALA A 363 -16.83 1.69 3.85
CA ALA A 363 -17.66 0.52 4.14
C ALA A 363 -18.23 -0.21 2.89
N LEU A 364 -18.53 0.50 1.81
CA LEU A 364 -19.31 -0.09 0.70
C LEU A 364 -18.49 -0.20 -0.58
N SER A 365 -18.53 -1.38 -1.21
CA SER A 365 -17.85 -1.61 -2.48
C SER A 365 -18.04 -0.47 -3.50
N THR A 366 -19.24 0.10 -3.57
CA THR A 366 -19.44 1.25 -4.46
C THR A 366 -18.46 2.41 -4.18
N ASP A 367 -18.26 2.76 -2.91
CA ASP A 367 -17.34 3.86 -2.55
C ASP A 367 -15.83 3.48 -2.63
N SER A 368 -15.49 2.20 -2.70
CA SER A 368 -14.08 1.80 -2.73
C SER A 368 -13.54 1.90 -4.15
N VAL A 369 -13.25 3.12 -4.59
CA VAL A 369 -12.63 3.33 -5.90
C VAL A 369 -11.15 3.60 -5.71
N GLU A 370 -10.37 3.23 -6.71
CA GLU A 370 -8.95 3.46 -6.71
C GLU A 370 -8.62 4.93 -6.71
N ARG A 371 -7.68 5.33 -5.85
CA ARG A 371 -7.07 6.65 -5.90
C ARG A 371 -5.76 6.49 -6.64
N LEU A 372 -5.69 7.06 -7.86
CA LEU A 372 -4.51 6.99 -8.72
C LEU A 372 -3.93 8.37 -9.08
N PRO A 373 -2.60 8.55 -8.94
CA PRO A 373 -2.00 9.75 -9.49
C PRO A 373 -2.11 9.82 -11.03
N VAL A 374 -2.12 11.01 -11.58
CA VAL A 374 -2.17 11.21 -13.04
C VAL A 374 -1.25 12.34 -13.46
N TYR A 375 -0.72 12.25 -14.67
CA TYR A 375 0.12 13.30 -15.24
C TYR A 375 -0.62 14.00 -16.36
#